data_7D86
#
_entry.id   7D86
#
_cell.length_a   42.193
_cell.length_b   41.907
_cell.length_c   52.878
_cell.angle_alpha   90.000
_cell.angle_beta   98.950
_cell.angle_gamma   90.000
#
_symmetry.space_group_name_H-M   'P 1 21 1'
#
loop_
_entity.id
_entity.type
_entity.pdbx_description
1 polymer 'PHD finger protein 14'
2 non-polymer 'ZINC ION'
3 non-polymer 'MAGNESIUM ION'
4 non-polymer 1,2-ETHANEDIOL
5 water water
#
_entity_poly.entity_id   1
_entity_poly.type   'polypeptide(L)'
_entity_poly.pdbx_seq_one_letter_code
;SSSQRMEHILICCVCLGDNSEDADEIIQCDNCGVTVHEGCYGVDGESDSIMSSASENSTEPWFCDACKNGVSPSCELCPS
QDGIFKETDAGRWVHVVCALYVPGVAFGDIDKLRPVTLTEMNYSKYGAKECSLCEDTRFARTGVCISCDAGMCRSFFHVT
CAQREGLLSEAAAEEDIADPFFAYCKQHADRFDRKWKRKNYLALQSYCKVS
;
_entity_poly.pdbx_strand_id   A
#
loop_
_chem_comp.id
_chem_comp.type
_chem_comp.name
_chem_comp.formula
EDO non-polymer 1,2-ETHANEDIOL 'C2 H6 O2'
MG non-polymer 'MAGNESIUM ION' 'Mg 2'
ZN non-polymer 'ZINC ION' 'Zn 2'
#
# COMPACT_ATOMS: atom_id res chain seq x y z
N HIS A 8 -2.12 24.04 -3.40
CA HIS A 8 -2.99 23.03 -2.80
C HIS A 8 -2.35 21.66 -2.83
N ILE A 9 -2.29 21.02 -1.67
CA ILE A 9 -1.44 19.85 -1.44
C ILE A 9 -2.36 18.64 -1.24
N LEU A 10 -2.48 17.81 -2.27
CA LEU A 10 -3.07 16.48 -2.13
C LEU A 10 -1.98 15.48 -1.77
N ILE A 11 -2.40 14.32 -1.26
CA ILE A 11 -1.48 13.27 -0.82
C ILE A 11 -1.79 12.00 -1.60
N CYS A 12 -0.73 11.36 -2.10
CA CYS A 12 -0.84 10.05 -2.73
C CYS A 12 -1.04 8.98 -1.65
N CYS A 13 -2.12 8.21 -1.77
CA CYS A 13 -2.42 7.19 -0.77
C CYS A 13 -1.55 5.94 -0.91
N VAL A 14 -0.66 5.89 -1.88
CA VAL A 14 0.25 4.76 -2.04
C VAL A 14 1.59 5.02 -1.38
N CYS A 15 2.25 6.13 -1.74
CA CYS A 15 3.56 6.46 -1.21
C CYS A 15 3.52 7.51 -0.11
N LEU A 16 2.37 8.11 0.18
CA LEU A 16 2.17 9.19 1.16
C LEU A 16 2.93 10.46 0.82
N GLY A 17 3.52 10.56 -0.38
CA GLY A 17 4.09 11.81 -0.82
C GLY A 17 3.03 12.80 -1.24
N ASP A 18 3.46 14.06 -1.43
CA ASP A 18 2.51 15.12 -1.77
C ASP A 18 2.93 15.95 -2.99
N ASN A 19 3.98 15.56 -3.69
CA ASN A 19 4.46 16.35 -4.82
C ASN A 19 3.64 16.03 -6.06
N SER A 20 2.95 17.04 -6.59
CA SER A 20 2.13 16.89 -7.79
C SER A 20 2.72 17.76 -8.90
N GLU A 21 3.85 17.30 -9.46
CA GLU A 21 4.56 18.06 -10.48
C GLU A 21 3.92 17.91 -11.85
N ASP A 22 4.69 18.16 -12.91
CA ASP A 22 4.15 18.13 -14.26
C ASP A 22 3.97 16.72 -14.77
N ALA A 23 5.03 15.91 -14.71
CA ALA A 23 4.99 14.57 -15.28
C ALA A 23 4.07 13.65 -14.48
N ASP A 24 4.24 13.63 -13.15
CA ASP A 24 3.47 12.75 -12.28
C ASP A 24 2.57 13.61 -11.40
N GLU A 25 1.31 13.75 -11.79
CA GLU A 25 0.34 14.50 -11.02
C GLU A 25 -0.42 13.57 -10.07
N ILE A 26 -0.92 14.16 -8.98
CA ILE A 26 -1.77 13.44 -8.05
C ILE A 26 -3.21 13.60 -8.53
N ILE A 27 -3.81 12.50 -8.99
CA ILE A 27 -5.17 12.52 -9.48
C ILE A 27 -6.09 12.00 -8.39
N GLN A 28 -7.38 12.29 -8.52
CA GLN A 28 -8.35 11.97 -7.49
C GLN A 28 -9.55 11.29 -8.13
N CYS A 29 -10.01 10.21 -7.51
CA CYS A 29 -11.18 9.51 -8.02
C CYS A 29 -12.41 10.39 -7.80
N ASP A 30 -13.15 10.64 -8.88
CA ASP A 30 -14.33 11.49 -8.76
C ASP A 30 -15.48 10.81 -8.03
N ASN A 31 -15.42 9.49 -7.85
CA ASN A 31 -16.48 8.77 -7.14
C ASN A 31 -16.19 8.65 -5.65
N CYS A 32 -15.03 8.12 -5.27
CA CYS A 32 -14.71 7.87 -3.87
C CYS A 32 -13.74 8.88 -3.28
N GLY A 33 -13.11 9.72 -4.09
CA GLY A 33 -12.20 10.73 -3.59
C GLY A 33 -10.79 10.27 -3.30
N VAL A 34 -10.45 9.00 -3.58
CA VAL A 34 -9.09 8.54 -3.31
C VAL A 34 -8.12 9.30 -4.20
N THR A 35 -6.91 9.53 -3.68
CA THR A 35 -5.91 10.33 -4.35
C THR A 35 -4.64 9.53 -4.51
N VAL A 36 -4.00 9.64 -5.68
CA VAL A 36 -2.86 8.79 -6.00
C VAL A 36 -2.05 9.47 -7.10
N HIS A 37 -0.72 9.29 -7.03
CA HIS A 37 0.14 9.63 -8.15
C HIS A 37 -0.26 8.82 -9.38
N GLU A 38 -0.28 9.47 -10.53
CA GLU A 38 -0.35 8.74 -11.80
C GLU A 38 0.68 7.61 -11.83
N GLY A 39 1.93 7.93 -11.49
CA GLY A 39 3.00 6.94 -11.53
C GLY A 39 2.88 5.86 -10.47
N CYS A 40 2.09 6.09 -9.42
CA CYS A 40 1.87 5.05 -8.42
C CYS A 40 0.67 4.17 -8.73
N TYR A 41 -0.06 4.45 -9.81
CA TYR A 41 -1.26 3.67 -10.15
C TYR A 41 -1.23 3.11 -11.56
N GLY A 42 -0.12 3.25 -12.28
CA GLY A 42 -0.05 2.82 -13.66
C GLY A 42 -0.62 3.79 -14.67
N VAL A 43 -0.98 5.00 -14.25
CA VAL A 43 -1.52 6.01 -15.15
C VAL A 43 -0.43 6.98 -15.56
N PRO A 61 -12.96 13.95 -15.30
CA PRO A 61 -13.71 12.80 -14.79
C PRO A 61 -12.90 11.51 -14.84
N TRP A 62 -12.44 11.03 -13.67
CA TRP A 62 -11.63 9.83 -13.60
C TRP A 62 -12.08 8.97 -12.44
N PHE A 63 -12.21 7.67 -12.68
CA PHE A 63 -12.59 6.71 -11.65
C PHE A 63 -11.42 5.78 -11.38
N CYS A 64 -11.24 5.42 -10.11
CA CYS A 64 -10.32 4.34 -9.80
C CYS A 64 -10.88 3.01 -10.29
N ASP A 65 -10.03 1.99 -10.32
CA ASP A 65 -10.44 0.70 -10.87
C ASP A 65 -11.59 0.09 -10.08
N ALA A 66 -11.59 0.25 -8.76
CA ALA A 66 -12.68 -0.32 -7.98
C ALA A 66 -14.01 0.35 -8.33
N CYS A 67 -14.02 1.68 -8.44
CA CYS A 67 -15.26 2.36 -8.78
C CYS A 67 -15.68 2.09 -10.22
N LYS A 68 -14.72 1.86 -11.13
CA LYS A 68 -15.05 1.44 -12.48
C LYS A 68 -15.83 0.12 -12.52
N ASN A 69 -15.66 -0.72 -11.50
CA ASN A 69 -16.41 -1.96 -11.38
C ASN A 69 -17.54 -1.86 -10.36
N GLY A 70 -17.81 -0.67 -9.84
CA GLY A 70 -18.87 -0.48 -8.86
C GLY A 70 -18.75 -1.28 -7.59
N VAL A 71 -17.53 -1.47 -7.09
CA VAL A 71 -17.32 -2.22 -5.86
C VAL A 71 -16.58 -1.35 -4.86
N SER A 72 -16.88 -1.57 -3.59
CA SER A 72 -16.01 -1.16 -2.49
C SER A 72 -15.32 -2.41 -2.00
N PRO A 73 -14.14 -2.72 -2.51
CA PRO A 73 -13.56 -4.04 -2.30
C PRO A 73 -12.90 -4.16 -0.93
N SER A 74 -12.62 -5.41 -0.57
CA SER A 74 -11.69 -5.73 0.50
C SER A 74 -10.40 -6.25 -0.12
N CYS A 75 -9.29 -6.07 0.59
CA CYS A 75 -8.01 -6.57 0.11
C CYS A 75 -7.85 -8.04 0.49
N GLU A 76 -7.31 -8.82 -0.44
CA GLU A 76 -7.01 -10.21 -0.13
C GLU A 76 -5.89 -10.35 0.89
N LEU A 77 -5.13 -9.28 1.13
CA LEU A 77 -3.87 -9.39 1.86
C LEU A 77 -3.86 -8.62 3.17
N CYS A 78 -4.92 -7.88 3.49
CA CYS A 78 -4.94 -7.06 4.70
C CYS A 78 -6.39 -6.69 5.01
N PRO A 79 -6.67 -6.24 6.23
CA PRO A 79 -8.05 -5.93 6.61
C PRO A 79 -8.52 -4.52 6.28
N SER A 80 -7.63 -3.65 5.81
CA SER A 80 -8.01 -2.26 5.54
C SER A 80 -8.93 -2.18 4.33
N GLN A 81 -9.97 -1.36 4.43
CA GLN A 81 -10.81 -1.05 3.28
C GLN A 81 -10.58 0.35 2.76
N ASP A 82 -9.61 1.08 3.31
CA ASP A 82 -9.20 2.36 2.76
C ASP A 82 -8.15 2.16 1.68
N GLY A 83 -7.72 3.26 1.08
CA GLY A 83 -6.66 3.19 0.08
C GLY A 83 -7.20 2.82 -1.30
N ILE A 84 -6.27 2.53 -2.20
CA ILE A 84 -6.62 2.32 -3.59
C ILE A 84 -6.25 0.89 -3.98
N PHE A 85 -7.08 0.31 -4.86
CA PHE A 85 -7.06 -1.11 -5.16
C PHE A 85 -6.82 -1.36 -6.64
N LYS A 86 -6.27 -2.55 -6.93
CA LYS A 86 -6.19 -3.11 -8.27
C LYS A 86 -6.78 -4.52 -8.25
N GLU A 87 -7.31 -4.95 -9.39
CA GLU A 87 -7.91 -6.26 -9.50
C GLU A 87 -6.83 -7.33 -9.71
N THR A 88 -7.03 -8.51 -9.11
CA THR A 88 -6.13 -9.63 -9.32
C THR A 88 -6.57 -10.45 -10.54
N ASP A 89 -5.75 -11.44 -10.89
CA ASP A 89 -6.06 -12.33 -12.00
C ASP A 89 -7.36 -13.08 -11.75
N ALA A 90 -7.58 -13.54 -10.53
CA ALA A 90 -8.74 -14.36 -10.20
C ALA A 90 -9.98 -13.54 -9.88
N GLY A 91 -10.00 -12.25 -10.23
CA GLY A 91 -11.16 -11.42 -10.03
C GLY A 91 -11.31 -10.83 -8.65
N ARG A 92 -10.27 -10.86 -7.82
CA ARG A 92 -10.34 -10.28 -6.49
C ARG A 92 -9.55 -8.99 -6.49
N TRP A 93 -9.36 -8.39 -5.31
CA TRP A 93 -8.81 -7.06 -5.19
C TRP A 93 -7.71 -7.03 -4.14
N VAL A 94 -6.68 -6.25 -4.41
CA VAL A 94 -5.61 -6.00 -3.46
C VAL A 94 -5.23 -4.53 -3.49
N HIS A 95 -4.75 -4.00 -2.37
CA HIS A 95 -4.16 -2.67 -2.37
C HIS A 95 -2.95 -2.62 -3.29
N VAL A 96 -2.79 -1.50 -4.00
CA VAL A 96 -1.53 -1.25 -4.68
C VAL A 96 -0.38 -1.34 -3.68
N VAL A 97 -0.54 -0.76 -2.49
CA VAL A 97 0.58 -0.75 -1.54
C VAL A 97 0.88 -2.16 -1.06
N CYS A 98 -0.15 -2.98 -0.85
CA CYS A 98 0.12 -4.36 -0.42
C CYS A 98 0.86 -5.13 -1.51
N ALA A 99 0.55 -4.83 -2.77
CA ALA A 99 1.26 -5.50 -3.87
C ALA A 99 2.73 -5.09 -3.92
N LEU A 100 3.05 -3.88 -3.48
CA LEU A 100 4.44 -3.44 -3.54
C LEU A 100 5.30 -4.08 -2.47
N TYR A 101 4.70 -4.50 -1.36
CA TYR A 101 5.52 -4.90 -0.21
C TYR A 101 5.43 -6.38 0.13
N VAL A 102 4.36 -7.08 -0.26
CA VAL A 102 4.28 -8.51 0.00
C VAL A 102 5.23 -9.23 -0.94
N PRO A 103 6.18 -10.01 -0.42
CA PRO A 103 7.12 -10.73 -1.30
C PRO A 103 6.41 -11.67 -2.27
N GLY A 104 7.00 -11.82 -3.45
CA GLY A 104 6.49 -12.75 -4.43
C GLY A 104 5.37 -12.23 -5.30
N VAL A 105 4.97 -10.97 -5.12
CA VAL A 105 3.99 -10.33 -5.99
C VAL A 105 4.75 -9.60 -7.09
N ALA A 106 4.36 -9.84 -8.34
CA ALA A 106 4.95 -9.12 -9.46
C ALA A 106 4.21 -7.80 -9.60
N PHE A 107 4.70 -6.78 -8.87
CA PHE A 107 3.96 -5.53 -8.76
C PHE A 107 4.12 -4.65 -9.98
N GLY A 108 5.14 -4.89 -10.81
CA GLY A 108 5.25 -4.18 -12.07
C GLY A 108 4.13 -4.46 -13.05
N ASP A 109 3.17 -5.33 -12.69
CA ASP A 109 2.07 -5.63 -13.59
C ASP A 109 1.21 -4.41 -13.86
N ILE A 110 0.90 -3.63 -12.81
CA ILE A 110 0.01 -2.49 -12.97
C ILE A 110 0.65 -1.42 -13.85
N ASP A 111 1.98 -1.28 -13.80
CA ASP A 111 2.67 -0.42 -14.75
C ASP A 111 2.45 -0.91 -16.17
N LYS A 112 2.56 -2.22 -16.39
CA LYS A 112 2.25 -2.83 -17.68
C LYS A 112 0.76 -2.91 -17.95
N LEU A 113 -0.07 -2.35 -17.08
CA LEU A 113 -1.53 -2.33 -17.25
C LEU A 113 -2.11 -3.74 -17.33
N ARG A 114 -1.73 -4.57 -16.37
CA ARG A 114 -2.25 -5.93 -16.29
C ARG A 114 -2.48 -6.29 -14.83
N PRO A 115 -3.35 -7.26 -14.56
CA PRO A 115 -3.78 -7.50 -13.17
C PRO A 115 -2.66 -7.99 -12.28
N VAL A 116 -2.86 -7.80 -10.97
CA VAL A 116 -1.96 -8.39 -9.99
C VAL A 116 -2.10 -9.89 -10.04
N THR A 117 -0.96 -10.59 -10.12
CA THR A 117 -0.94 -12.04 -10.13
C THR A 117 -0.44 -12.54 -8.78
N LEU A 118 -1.29 -13.28 -8.08
CA LEU A 118 -0.93 -13.93 -6.83
C LEU A 118 -0.66 -15.41 -7.10
N THR A 119 0.39 -15.93 -6.48
CA THR A 119 0.85 -17.29 -6.69
C THR A 119 0.34 -18.22 -5.59
N GLU A 120 0.50 -19.51 -5.83
CA GLU A 120 0.25 -20.49 -4.78
C GLU A 120 1.02 -20.13 -3.51
N MET A 121 2.27 -19.66 -3.68
CA MET A 121 3.08 -19.29 -2.52
C MET A 121 2.42 -18.16 -1.74
N ASN A 122 1.96 -17.12 -2.44
CA ASN A 122 1.23 -16.03 -1.79
C ASN A 122 0.01 -16.55 -1.04
N TYR A 123 -0.80 -17.37 -1.72
CA TYR A 123 -2.05 -17.86 -1.14
C TYR A 123 -1.79 -18.70 0.10
N SER A 124 -0.71 -19.46 0.10
CA SER A 124 -0.38 -20.31 1.24
C SER A 124 0.06 -19.51 2.45
N LYS A 125 0.30 -18.21 2.31
CA LYS A 125 0.73 -17.37 3.43
C LYS A 125 -0.44 -16.76 4.19
N TYR A 126 -1.66 -16.80 3.66
CA TYR A 126 -2.79 -16.12 4.31
C TYR A 126 -2.96 -16.64 5.74
N GLY A 127 -3.05 -15.71 6.69
CA GLY A 127 -3.26 -16.07 8.08
C GLY A 127 -2.10 -16.71 8.79
N ALA A 128 -0.91 -16.77 8.17
CA ALA A 128 0.22 -17.47 8.78
C ALA A 128 0.79 -16.73 9.98
N LYS A 129 0.75 -15.39 9.98
CA LYS A 129 1.34 -14.58 11.02
C LYS A 129 0.26 -13.70 11.66
N GLU A 130 0.57 -13.20 12.85
CA GLU A 130 -0.32 -12.25 13.53
C GLU A 130 0.28 -10.85 13.39
N CYS A 131 -0.55 -9.92 12.92
CA CYS A 131 -0.11 -8.54 12.78
C CYS A 131 -0.01 -7.89 14.15
N SER A 132 1.17 -7.34 14.45
CA SER A 132 1.39 -6.71 15.75
C SER A 132 0.85 -5.29 15.81
N LEU A 133 0.40 -4.72 14.69
CA LEU A 133 -0.04 -3.34 14.65
C LEU A 133 -1.55 -3.17 14.45
N CYS A 134 -2.32 -4.26 14.44
CA CYS A 134 -3.73 -4.16 14.08
C CYS A 134 -4.52 -3.38 15.12
N GLU A 135 -5.34 -2.43 14.65
CA GLU A 135 -6.21 -1.70 15.55
C GLU A 135 -7.35 -2.59 16.06
N ASP A 136 -7.84 -3.48 15.21
CA ASP A 136 -8.96 -4.35 15.52
C ASP A 136 -8.42 -5.76 15.70
N THR A 137 -8.52 -6.28 16.93
CA THR A 137 -7.98 -7.60 17.25
C THR A 137 -8.53 -8.69 16.35
N ARG A 138 -9.77 -8.55 15.87
CA ARG A 138 -10.41 -9.60 15.09
C ARG A 138 -9.66 -9.93 13.81
N PHE A 139 -8.87 -8.99 13.29
CA PHE A 139 -8.27 -9.13 11.97
C PHE A 139 -6.76 -9.32 12.01
N ALA A 140 -6.17 -9.45 13.20
CA ALA A 140 -4.72 -9.54 13.30
C ALA A 140 -4.16 -10.75 12.54
N ARG A 141 -4.96 -11.81 12.38
CA ARG A 141 -4.50 -13.02 11.71
C ARG A 141 -5.12 -13.19 10.33
N THR A 142 -5.48 -12.11 9.68
CA THR A 142 -6.00 -12.17 8.33
C THR A 142 -4.94 -11.74 7.34
N GLY A 143 -5.12 -12.16 6.09
CA GLY A 143 -4.25 -11.69 5.04
C GLY A 143 -2.82 -12.11 5.27
N VAL A 144 -1.91 -11.30 4.76
CA VAL A 144 -0.49 -11.63 4.72
C VAL A 144 0.28 -10.50 5.40
N CYS A 145 1.14 -10.85 6.34
CA CYS A 145 2.00 -9.87 6.99
C CYS A 145 3.35 -9.79 6.31
N ILE A 146 3.97 -8.62 6.40
CA ILE A 146 5.38 -8.46 6.07
C ILE A 146 6.13 -8.28 7.38
N SER A 147 7.45 -8.26 7.32
CA SER A 147 8.26 -8.12 8.51
C SER A 147 9.18 -6.92 8.41
N CYS A 148 9.73 -6.53 9.56
CA CYS A 148 10.70 -5.46 9.60
C CYS A 148 11.96 -5.89 8.83
N ASP A 149 12.57 -4.94 8.14
CA ASP A 149 13.71 -5.24 7.28
C ASP A 149 15.06 -4.91 7.91
N ALA A 150 15.09 -4.50 9.17
CA ALA A 150 16.33 -4.18 9.84
C ALA A 150 16.94 -5.46 10.40
N GLY A 151 18.24 -5.63 10.18
CA GLY A 151 18.96 -6.81 10.61
C GLY A 151 18.22 -8.11 10.40
N MET A 152 18.03 -8.85 11.48
CA MET A 152 17.21 -10.06 11.49
C MET A 152 15.95 -9.89 12.32
N CYS A 153 15.45 -8.65 12.40
CA CYS A 153 14.26 -8.36 13.19
C CYS A 153 13.05 -9.12 12.65
N ARG A 154 12.30 -9.73 13.57
CA ARG A 154 11.10 -10.45 13.19
C ARG A 154 9.86 -9.83 13.82
N SER A 155 9.52 -8.61 13.42
CA SER A 155 8.25 -7.97 13.78
C SER A 155 7.35 -8.00 12.56
N PHE A 156 6.13 -8.51 12.74
CA PHE A 156 5.22 -8.72 11.62
C PHE A 156 4.03 -7.76 11.68
N PHE A 157 3.59 -7.31 10.49
CA PHE A 157 2.46 -6.42 10.40
C PHE A 157 1.91 -6.42 8.98
N HIS A 158 0.62 -6.12 8.86
CA HIS A 158 0.05 -5.90 7.53
C HIS A 158 0.71 -4.69 6.89
N VAL A 159 0.76 -4.69 5.55
CA VAL A 159 1.37 -3.58 4.84
C VAL A 159 0.65 -2.27 5.16
N THR A 160 -0.69 -2.30 5.19
CA THR A 160 -1.44 -1.07 5.42
C THR A 160 -1.40 -0.64 6.88
N CYS A 161 -1.26 -1.60 7.80
CA CYS A 161 -1.07 -1.25 9.20
C CYS A 161 0.28 -0.57 9.40
N ALA A 162 1.32 -1.09 8.74
CA ALA A 162 2.61 -0.43 8.77
C ALA A 162 2.54 0.94 8.09
N GLN A 163 1.78 1.02 6.99
CA GLN A 163 1.66 2.30 6.29
C GLN A 163 1.09 3.36 7.23
N ARG A 164 0.07 2.99 8.01
CA ARG A 164 -0.58 3.91 8.92
C ARG A 164 0.39 4.43 9.97
N GLU A 165 1.32 3.59 10.40
CA GLU A 165 2.30 3.98 11.42
C GLU A 165 3.53 4.65 10.82
N GLY A 166 3.54 4.90 9.52
CA GLY A 166 4.66 5.60 8.89
C GLY A 166 5.88 4.74 8.68
N LEU A 167 5.70 3.44 8.51
CA LEU A 167 6.82 2.49 8.54
C LEU A 167 7.27 2.02 7.16
N LEU A 168 6.54 2.35 6.09
CA LEU A 168 6.88 1.90 4.75
C LEU A 168 7.76 2.93 4.07
N SER A 169 8.86 2.46 3.46
CA SER A 169 9.80 3.31 2.76
C SER A 169 10.04 2.79 1.35
N GLU A 170 10.41 3.70 0.47
CA GLU A 170 10.88 3.35 -0.87
C GLU A 170 12.24 4.01 -1.06
N ALA A 171 13.26 3.21 -1.37
CA ALA A 171 14.59 3.76 -1.62
C ALA A 171 14.58 4.61 -2.88
N ALA A 172 15.41 5.66 -2.88
CA ALA A 172 15.53 6.47 -4.08
C ALA A 172 16.22 5.68 -5.20
N ALA A 173 15.98 6.13 -6.43
CA ALA A 173 16.58 5.49 -7.61
C ALA A 173 18.10 5.45 -7.51
N GLU A 174 18.71 6.53 -7.03
CA GLU A 174 20.17 6.58 -6.93
C GLU A 174 20.72 5.63 -5.89
N GLU A 175 19.88 5.13 -4.98
CA GLU A 175 20.35 4.19 -3.97
C GLU A 175 20.63 2.81 -4.55
N ASP A 176 20.08 2.49 -5.71
CA ASP A 176 20.41 1.28 -6.47
C ASP A 176 20.21 0.02 -5.62
N ILE A 177 18.99 -0.12 -5.11
CA ILE A 177 18.57 -1.31 -4.37
C ILE A 177 17.57 -2.05 -5.26
N ALA A 178 17.82 -3.35 -5.46
CA ALA A 178 17.05 -4.12 -6.45
C ALA A 178 15.56 -4.15 -6.11
N ASP A 179 15.23 -4.40 -4.85
CA ASP A 179 13.88 -4.26 -4.30
C ASP A 179 13.88 -2.98 -3.48
N PRO A 180 13.42 -1.85 -4.02
CA PRO A 180 13.51 -0.58 -3.29
C PRO A 180 12.50 -0.43 -2.17
N PHE A 181 11.54 -1.34 -2.03
CA PHE A 181 10.49 -1.19 -1.04
C PHE A 181 10.85 -1.94 0.23
N PHE A 182 10.96 -1.22 1.34
CA PHE A 182 11.31 -1.86 2.60
C PHE A 182 10.50 -1.23 3.73
N ALA A 183 10.47 -1.94 4.85
CA ALA A 183 9.71 -1.51 6.01
C ALA A 183 10.48 -1.82 7.28
N TYR A 184 10.36 -0.94 8.27
CA TYR A 184 10.98 -1.08 9.58
C TYR A 184 9.93 -1.03 10.66
N CYS A 185 10.09 -1.84 11.69
CA CYS A 185 9.19 -1.71 12.83
C CYS A 185 9.44 -0.37 13.52
N LYS A 186 8.59 -0.04 14.50
CA LYS A 186 8.73 1.24 15.19
C LYS A 186 10.08 1.36 15.88
N GLN A 187 10.62 0.26 16.39
CA GLN A 187 11.89 0.36 17.10
C GLN A 187 13.04 0.69 16.15
N HIS A 188 12.93 0.31 14.88
CA HIS A 188 14.05 0.44 13.95
C HIS A 188 13.84 1.50 12.89
N ALA A 189 12.71 2.21 12.91
CA ALA A 189 12.39 3.13 11.83
C ALA A 189 13.14 4.45 11.97
N ASP A 190 13.29 5.14 10.84
CA ASP A 190 13.75 6.52 10.83
C ASP A 190 12.67 7.40 11.45
N ARG A 191 12.98 8.06 12.56
CA ARG A 191 11.94 8.80 13.28
C ARG A 191 11.40 9.96 12.45
N PHE A 192 12.28 10.66 11.72
CA PHE A 192 11.82 11.75 10.87
C PHE A 192 10.85 11.25 9.81
N ASP A 193 11.22 10.15 9.14
CA ASP A 193 10.38 9.60 8.09
C ASP A 193 9.04 9.14 8.63
N ARG A 194 9.03 8.47 9.79
CA ARG A 194 7.77 8.10 10.42
C ARG A 194 6.87 9.30 10.63
N LYS A 195 7.46 10.40 11.10
CA LYS A 195 6.66 11.54 11.53
C LYS A 195 5.87 12.13 10.37
N TRP A 196 6.52 12.41 9.25
CA TRP A 196 5.77 13.04 8.16
C TRP A 196 4.89 12.03 7.43
N LYS A 197 5.27 10.75 7.44
CA LYS A 197 4.38 9.75 6.84
C LYS A 197 3.12 9.54 7.67
N ARG A 198 3.27 9.44 9.00
CA ARG A 198 2.07 9.31 9.83
C ARG A 198 1.17 10.54 9.67
N LYS A 199 1.77 11.71 9.57
CA LYS A 199 0.99 12.94 9.38
C LYS A 199 0.24 12.92 8.05
N ASN A 200 0.91 12.52 6.98
CA ASN A 200 0.25 12.49 5.67
C ASN A 200 -0.80 11.40 5.59
N TYR A 201 -0.57 10.26 6.24
CA TYR A 201 -1.61 9.23 6.30
C TYR A 201 -2.86 9.79 6.96
N LEU A 202 -2.71 10.48 8.09
CA LEU A 202 -3.87 11.04 8.78
C LEU A 202 -4.60 12.05 7.91
N ALA A 203 -3.86 12.85 7.13
CA ALA A 203 -4.49 13.86 6.30
C ALA A 203 -5.28 13.26 5.14
N LEU A 204 -5.05 11.97 4.81
CA LEU A 204 -5.75 11.35 3.68
C LEU A 204 -7.26 11.30 3.92
N GLN A 205 -7.68 10.98 5.15
CA GLN A 205 -9.11 10.90 5.44
C GLN A 205 -9.83 12.22 5.18
N SER A 206 -9.10 13.35 5.23
CA SER A 206 -9.73 14.65 5.02
C SER A 206 -10.18 14.84 3.58
N TYR A 207 -9.55 14.15 2.63
CA TYR A 207 -9.86 14.30 1.21
C TYR A 207 -10.94 13.35 0.73
N CYS A 208 -11.41 12.45 1.57
CA CYS A 208 -12.40 11.48 1.13
C CYS A 208 -13.79 12.10 1.11
N LYS A 209 -14.71 11.43 0.42
CA LYS A 209 -16.08 11.90 0.27
C LYS A 209 -16.85 11.83 1.58
ZN ZN B . 12.54 -4.15 13.58
ZN ZN C . -4.24 -4.59 1.51
ZN ZN D . -2.86 -5.40 10.90
ZN ZN E . 2.62 8.11 -4.87
ZN ZN F . -12.82 5.38 -6.52
MG MG G . 9.79 -6.50 -1.82
C1 EDO H . -6.77 -2.22 10.77
O1 EDO H . -5.77 -1.79 11.70
C2 EDO H . -7.83 -3.01 11.52
O2 EDO H . -7.18 -4.02 12.29
#